data_4KG8
#
_entry.id   4KG8
#
_cell.length_a   59.644
_cell.length_b   46.911
_cell.length_c   70.400
_cell.angle_alpha   90.00
_cell.angle_beta   98.02
_cell.angle_gamma   90.00
#
_symmetry.space_group_name_H-M   'P 1 21 1'
#
loop_
_entity.id
_entity.type
_entity.pdbx_description
1 polymer 'Tumor necrosis factor ligand superfamily member 14'
2 water water
#
_entity_poly.entity_id   1
_entity_poly.type   'polypeptide(L)'
_entity_poly.pdbx_seq_one_letter_code
;LIQERRSHEVNPAAHLTGANSSLTGSGGPLLWETQLGLAFLRGLSYHDGALVVTKAGYYYIYSKVQLGGVGCPLGLASTI
THGLYKRTPRYPEELELLVSQQSPCGRATSSSSNWFDSSFLGGVVHLEAGEEVVVRVLDERLVRLRDGTRSYFGAFMV
;
_entity_poly.pdbx_strand_id   A,B,C
#
# COMPACT_ATOMS: atom_id res chain seq x y z
N VAL A 10 -10.45 9.69 -19.04
CA VAL A 10 -10.39 8.83 -17.79
C VAL A 10 -8.95 8.38 -17.56
N ASN A 11 -8.42 8.62 -16.36
CA ASN A 11 -7.12 8.08 -15.93
C ASN A 11 -7.35 6.61 -15.67
N PRO A 12 -6.71 5.71 -16.44
CA PRO A 12 -6.99 4.29 -16.22
C PRO A 12 -6.88 3.81 -14.76
N ALA A 13 -7.85 3.03 -14.32
CA ALA A 13 -7.91 2.53 -12.93
C ALA A 13 -8.88 1.37 -12.75
N ALA A 14 -8.69 0.65 -11.65
CA ALA A 14 -9.52 -0.52 -11.38
C ALA A 14 -9.38 -0.98 -9.96
N HIS A 15 -10.44 -1.53 -9.38
CA HIS A 15 -10.38 -2.14 -8.06
C HIS A 15 -11.17 -3.43 -8.13
N LEU A 16 -10.49 -4.57 -7.89
CA LEU A 16 -11.19 -5.83 -8.01
C LEU A 16 -11.21 -6.46 -6.65
N THR A 17 -12.30 -7.18 -6.35
CA THR A 17 -12.54 -7.62 -5.00
C THR A 17 -12.88 -9.10 -4.88
N GLY A 18 -12.67 -9.64 -3.69
CA GLY A 18 -13.18 -11.00 -3.34
C GLY A 18 -12.44 -12.08 -4.09
N ALA A 19 -11.28 -12.41 -3.58
CA ALA A 19 -10.43 -13.41 -4.22
C ALA A 19 -11.06 -14.77 -4.13
N ASN A 20 -11.09 -15.50 -5.22
CA ASN A 20 -10.99 -16.93 -5.06
C ASN A 20 -10.17 -17.64 -6.10
N SER A 21 -9.77 -18.85 -5.71
CA SER A 21 -8.87 -19.64 -6.48
C SER A 21 -9.53 -20.05 -7.76
N SER A 22 -8.69 -20.27 -8.78
CA SER A 22 -9.08 -20.90 -10.07
C SER A 22 -9.28 -22.39 -9.85
N LEU A 23 -9.87 -23.06 -10.82
CA LEU A 23 -10.14 -24.48 -10.72
C LEU A 23 -8.85 -25.23 -10.37
N THR A 24 -8.97 -26.11 -9.38
CA THR A 24 -7.86 -27.01 -8.98
C THR A 24 -7.33 -27.74 -10.22
N GLY A 25 -6.01 -27.86 -10.28
CA GLY A 25 -5.34 -28.32 -11.49
C GLY A 25 -5.27 -27.32 -12.68
N SER A 26 -5.99 -26.19 -12.64
CA SER A 26 -5.99 -25.28 -13.80
C SER A 26 -4.66 -24.53 -13.98
N GLY A 27 -3.94 -24.31 -12.89
CA GLY A 27 -2.72 -23.51 -12.86
C GLY A 27 -3.01 -22.01 -12.76
N GLY A 28 -4.31 -21.64 -12.74
CA GLY A 28 -4.69 -20.24 -12.84
C GLY A 28 -4.54 -19.44 -11.55
N PRO A 29 -4.63 -18.10 -11.67
CA PRO A 29 -4.34 -17.26 -10.54
C PRO A 29 -5.63 -16.99 -9.82
N LEU A 30 -5.59 -16.18 -8.78
CA LEU A 30 -6.84 -15.69 -8.18
C LEU A 30 -7.78 -14.99 -9.18
N LEU A 31 -9.06 -15.24 -8.98
CA LEU A 31 -10.14 -14.68 -9.74
C LEU A 31 -10.85 -13.69 -8.81
N TRP A 32 -11.46 -12.64 -9.40
CA TRP A 32 -12.00 -11.47 -8.69
C TRP A 32 -13.37 -11.02 -9.23
N GLU A 33 -14.11 -10.30 -8.43
CA GLU A 33 -15.37 -9.67 -8.82
C GLU A 33 -14.97 -8.35 -9.50
N THR A 34 -15.54 -8.08 -10.65
CA THR A 34 -15.17 -6.90 -11.43
C THR A 34 -16.19 -5.79 -11.62
N GLN A 35 -17.45 -5.96 -11.17
CA GLN A 35 -18.56 -5.02 -11.47
C GLN A 35 -19.39 -4.60 -10.28
N LEU A 36 -19.66 -5.51 -9.37
CA LEU A 36 -20.51 -5.18 -8.22
C LEU A 36 -19.81 -4.59 -7.03
N GLY A 37 -20.59 -3.84 -6.26
CA GLY A 37 -20.13 -3.39 -4.96
C GLY A 37 -19.08 -2.32 -5.13
N LEU A 38 -17.90 -2.55 -4.58
CA LEU A 38 -16.79 -1.63 -4.74
C LEU A 38 -15.92 -1.96 -5.94
N ALA A 39 -16.30 -2.98 -6.70
CA ALA A 39 -15.43 -3.43 -7.80
C ALA A 39 -15.72 -2.63 -9.08
N PHE A 40 -14.70 -2.11 -9.75
CA PHE A 40 -14.88 -1.44 -11.06
C PHE A 40 -13.63 -1.65 -11.89
N LEU A 41 -13.84 -1.58 -13.21
CA LEU A 41 -12.82 -1.53 -14.21
C LEU A 41 -12.97 -0.27 -15.06
N ARG A 42 -11.95 0.60 -15.11
CA ARG A 42 -12.01 1.86 -15.87
C ARG A 42 -10.77 2.13 -16.70
N GLY A 43 -10.80 1.76 -17.97
CA GLY A 43 -9.64 1.98 -18.85
C GLY A 43 -8.61 0.87 -18.66
N LEU A 44 -8.95 -0.16 -17.90
CA LEU A 44 -8.21 -1.43 -17.91
C LEU A 44 -9.20 -2.47 -18.29
N SER A 45 -8.75 -3.65 -18.70
CA SER A 45 -9.64 -4.78 -18.99
C SER A 45 -9.25 -5.95 -18.04
N TYR A 46 -10.01 -7.02 -18.13
CA TYR A 46 -9.92 -8.15 -17.22
C TYR A 46 -10.04 -9.40 -18.04
N HIS A 47 -9.18 -10.37 -17.75
CA HIS A 47 -9.35 -11.69 -18.42
C HIS A 47 -8.88 -12.82 -17.53
N ASP A 48 -9.80 -13.67 -17.05
CA ASP A 48 -9.48 -14.80 -16.17
C ASP A 48 -8.47 -14.50 -15.08
N GLY A 49 -8.73 -13.47 -14.30
CA GLY A 49 -7.88 -13.09 -13.19
C GLY A 49 -6.94 -11.95 -13.46
N ALA A 50 -6.62 -11.67 -14.73
CA ALA A 50 -5.61 -10.67 -15.12
C ALA A 50 -6.22 -9.30 -15.33
N LEU A 51 -5.58 -8.25 -14.82
CA LEU A 51 -5.84 -6.92 -15.35
C LEU A 51 -5.02 -6.85 -16.61
N VAL A 52 -5.60 -6.40 -17.69
CA VAL A 52 -5.00 -6.32 -19.01
C VAL A 52 -4.85 -4.85 -19.32
N VAL A 53 -3.64 -4.41 -19.62
CA VAL A 53 -3.37 -3.01 -19.86
C VAL A 53 -3.70 -2.63 -21.31
N THR A 54 -4.49 -1.56 -21.47
CA THR A 54 -4.84 -0.97 -22.76
C THR A 54 -3.88 0.18 -23.04
N LYS A 55 -3.60 1.00 -22.02
CA LYS A 55 -2.74 2.14 -22.18
C LYS A 55 -1.42 2.02 -21.41
N ALA A 56 -0.35 1.99 -22.17
CA ALA A 56 0.98 1.84 -21.70
C ALA A 56 1.38 2.99 -20.81
N GLY A 57 2.26 2.73 -19.86
CA GLY A 57 2.70 3.73 -18.87
C GLY A 57 2.90 3.13 -17.48
N TYR A 58 3.01 4.04 -16.50
CA TYR A 58 3.33 3.72 -15.11
C TYR A 58 2.05 3.60 -14.36
N TYR A 59 1.94 2.50 -13.59
CA TYR A 59 0.79 2.24 -12.76
C TYR A 59 1.22 1.94 -11.37
N TYR A 60 0.48 2.47 -10.41
CA TYR A 60 0.57 2.00 -9.05
C TYR A 60 -0.40 0.84 -8.96
N ILE A 61 0.16 -0.35 -8.80
CA ILE A 61 -0.61 -1.63 -8.64
C ILE A 61 -0.54 -2.02 -7.20
N TYR A 62 -1.61 -2.65 -6.69
CA TYR A 62 -1.67 -3.09 -5.28
C TYR A 62 -2.55 -4.30 -5.09
N SER A 63 -2.39 -5.00 -3.98
CA SER A 63 -3.28 -6.13 -3.66
C SER A 63 -3.17 -6.35 -2.18
N LYS A 64 -4.29 -6.65 -1.59
CA LYS A 64 -4.31 -7.06 -0.22
C LYS A 64 -4.96 -8.41 -0.22
N VAL A 65 -4.45 -9.32 0.54
CA VAL A 65 -5.01 -10.64 0.64
C VAL A 65 -5.18 -10.93 2.15
N GLN A 66 -6.30 -11.56 2.49
CA GLN A 66 -6.62 -11.92 3.88
C GLN A 66 -6.34 -13.43 4.08
N LEU A 67 -5.43 -13.72 5.02
CA LEU A 67 -4.95 -15.06 5.28
C LEU A 67 -5.47 -15.50 6.62
N GLY A 68 -5.44 -16.82 6.80
CA GLY A 68 -6.00 -17.42 7.97
C GLY A 68 -6.09 -18.89 7.75
N GLY A 69 -5.89 -19.64 8.82
CA GLY A 69 -5.93 -21.08 8.74
C GLY A 69 -6.21 -21.69 10.08
N VAL A 70 -5.68 -22.89 10.26
CA VAL A 70 -6.01 -23.75 11.39
C VAL A 70 -4.78 -24.12 12.22
N GLY A 71 -3.62 -24.24 11.58
CA GLY A 71 -2.37 -24.46 12.33
C GLY A 71 -1.14 -24.21 11.48
N THR A 79 5.35 -21.08 5.44
CA THR A 79 5.60 -19.91 4.59
C THR A 79 4.52 -19.69 3.48
N ILE A 80 3.95 -18.49 3.46
CA ILE A 80 2.99 -18.07 2.44
C ILE A 80 3.60 -16.94 1.64
N THR A 81 3.50 -17.03 0.32
CA THR A 81 4.02 -16.05 -0.65
C THR A 81 2.76 -15.41 -1.26
N HIS A 82 2.70 -14.09 -1.23
CA HIS A 82 1.69 -13.28 -1.89
C HIS A 82 2.40 -12.39 -2.87
N GLY A 83 2.06 -12.51 -4.15
CA GLY A 83 2.74 -11.81 -5.21
C GLY A 83 1.83 -11.19 -6.27
N LEU A 84 2.37 -10.15 -6.88
CA LEU A 84 1.83 -9.55 -8.13
C LEU A 84 2.83 -9.90 -9.25
N TYR A 85 2.34 -10.43 -10.36
CA TYR A 85 3.19 -10.98 -11.42
C TYR A 85 2.73 -10.38 -12.74
N LYS A 86 3.68 -10.26 -13.67
CA LYS A 86 3.49 -9.71 -15.01
C LYS A 86 3.59 -10.80 -16.08
N ARG A 87 2.63 -10.79 -17.02
CA ARG A 87 2.72 -11.54 -18.22
C ARG A 87 3.06 -10.68 -19.45
N THR A 88 4.10 -11.08 -20.18
CA THR A 88 4.61 -10.29 -21.32
C THR A 88 4.78 -11.23 -22.55
N PRO A 89 4.56 -10.72 -23.80
CA PRO A 89 4.52 -11.58 -24.97
C PRO A 89 5.76 -12.44 -25.13
N ARG A 90 5.56 -13.73 -25.45
CA ARG A 90 6.65 -14.64 -25.76
C ARG A 90 7.51 -14.94 -24.60
N TYR A 91 7.01 -14.71 -23.38
CA TYR A 91 7.77 -15.02 -22.19
C TYR A 91 6.89 -15.98 -21.42
N PRO A 92 7.21 -17.30 -21.51
CA PRO A 92 6.35 -18.30 -20.92
C PRO A 92 6.19 -18.16 -19.44
N GLU A 93 7.12 -17.51 -18.76
CA GLU A 93 7.13 -17.50 -17.32
C GLU A 93 6.62 -16.18 -16.88
N GLU A 94 5.84 -16.20 -15.80
CA GLU A 94 5.37 -14.99 -15.19
C GLU A 94 6.57 -14.33 -14.50
N LEU A 95 6.73 -13.03 -14.67
CA LEU A 95 7.76 -12.25 -13.98
C LEU A 95 7.24 -11.60 -12.70
N GLU A 96 8.00 -11.71 -11.62
CA GLU A 96 7.64 -11.07 -10.35
C GLU A 96 7.66 -9.61 -10.48
N LEU A 97 6.69 -8.97 -9.86
CA LEU A 97 6.72 -7.51 -9.73
C LEU A 97 6.94 -7.11 -8.26
N LEU A 98 6.04 -7.56 -7.41
CA LEU A 98 6.11 -7.22 -6.00
C LEU A 98 5.74 -8.50 -5.29
N VAL A 99 6.51 -8.93 -4.32
CA VAL A 99 6.24 -10.20 -3.65
C VAL A 99 6.49 -10.07 -2.16
N SER A 100 5.73 -10.81 -1.39
CA SER A 100 5.94 -10.88 0.04
C SER A 100 5.87 -12.33 0.57
N GLN A 101 6.79 -12.63 1.49
CA GLN A 101 6.81 -13.90 2.20
C GLN A 101 6.48 -13.66 3.66
N GLN A 102 5.49 -14.37 4.17
CA GLN A 102 5.01 -14.20 5.52
C GLN A 102 4.92 -15.61 6.11
N SER A 103 5.14 -15.76 7.42
CA SER A 103 4.96 -17.09 8.04
C SER A 103 4.31 -17.03 9.42
N PRO A 104 2.98 -17.23 9.50
CA PRO A 104 2.28 -17.24 10.77
C PRO A 104 1.91 -18.63 11.27
N SER A 113 -5.96 -24.26 16.97
CA SER A 113 -5.53 -22.86 17.14
C SER A 113 -5.59 -22.04 15.83
N ASN A 114 -6.58 -21.15 15.75
CA ASN A 114 -6.84 -20.35 14.54
C ASN A 114 -6.10 -19.05 14.51
N TRP A 115 -5.59 -18.68 13.33
CA TRP A 115 -4.82 -17.46 13.19
C TRP A 115 -5.35 -16.63 12.02
N PHE A 116 -5.03 -15.34 12.02
CA PHE A 116 -5.42 -14.43 10.94
C PHE A 116 -4.26 -13.57 10.64
N ASP A 117 -4.09 -13.24 9.36
CA ASP A 117 -3.04 -12.32 8.92
C ASP A 117 -3.41 -11.69 7.58
N SER A 118 -2.91 -10.50 7.33
CA SER A 118 -3.25 -9.77 6.11
C SER A 118 -1.98 -9.42 5.38
N SER A 119 -1.97 -9.56 4.08
CA SER A 119 -0.78 -9.14 3.36
C SER A 119 -1.07 -8.08 2.30
N PHE A 120 -0.43 -6.92 2.44
CA PHE A 120 -0.54 -5.83 1.51
C PHE A 120 0.71 -5.58 0.63
N LEU A 121 0.50 -5.44 -0.67
CA LEU A 121 1.58 -5.03 -1.59
C LEU A 121 1.12 -3.81 -2.38
N GLY A 122 2.02 -2.85 -2.62
CA GLY A 122 1.73 -1.71 -3.51
C GLY A 122 3.00 -1.23 -4.15
N GLY A 123 2.92 -0.79 -5.41
CA GLY A 123 4.14 -0.24 -6.07
C GLY A 123 3.95 0.17 -7.51
N VAL A 124 4.82 1.07 -7.98
CA VAL A 124 4.72 1.62 -9.36
C VAL A 124 5.55 0.80 -10.30
N VAL A 125 4.91 0.29 -11.38
CA VAL A 125 5.57 -0.49 -12.41
C VAL A 125 5.18 0.07 -13.77
N HIS A 126 6.05 -0.14 -14.76
CA HIS A 126 5.76 0.20 -16.15
C HIS A 126 5.24 -1.03 -16.84
N LEU A 127 4.20 -0.83 -17.65
CA LEU A 127 3.42 -1.85 -18.29
C LEU A 127 3.11 -1.34 -19.67
N GLU A 128 3.28 -2.20 -20.67
CA GLU A 128 3.01 -1.93 -22.07
C GLU A 128 1.61 -2.36 -22.37
N ALA A 129 0.99 -1.76 -23.41
CA ALA A 129 -0.24 -2.26 -23.96
C ALA A 129 -0.11 -3.74 -24.21
N GLY A 130 -1.11 -4.54 -23.79
CA GLY A 130 -1.17 -5.97 -24.11
C GLY A 130 -0.57 -6.80 -22.98
N GLU A 131 0.14 -6.17 -22.06
CA GLU A 131 0.68 -6.84 -20.91
C GLU A 131 -0.40 -7.07 -19.84
N GLU A 132 -0.19 -8.08 -18.97
CA GLU A 132 -1.21 -8.48 -17.99
C GLU A 132 -0.63 -8.63 -16.60
N VAL A 133 -1.39 -8.33 -15.55
CA VAL A 133 -0.90 -8.51 -14.22
C VAL A 133 -1.84 -9.43 -13.47
N VAL A 134 -1.29 -10.40 -12.75
CA VAL A 134 -2.12 -11.27 -11.94
C VAL A 134 -1.60 -11.30 -10.56
N VAL A 135 -2.43 -11.80 -9.64
CA VAL A 135 -2.11 -12.00 -8.24
C VAL A 135 -2.09 -13.48 -7.96
N ARG A 136 -1.07 -13.95 -7.24
CA ARG A 136 -1.03 -15.35 -6.75
C ARG A 136 -0.65 -15.45 -5.30
N VAL A 137 -1.15 -16.52 -4.73
CA VAL A 137 -0.87 -16.84 -3.33
C VAL A 137 -0.45 -18.30 -3.25
N LEU A 138 0.62 -18.54 -2.52
CA LEU A 138 1.19 -19.88 -2.36
C LEU A 138 1.42 -20.16 -0.87
N ASP A 139 0.62 -21.06 -0.31
CA ASP A 139 -0.41 -21.77 -1.05
C ASP A 139 -1.79 -21.15 -0.75
N GLU A 140 -2.71 -21.30 -1.68
CA GLU A 140 -3.95 -20.59 -1.60
C GLU A 140 -4.97 -21.17 -0.62
N ARG A 141 -4.81 -20.79 0.63
CA ARG A 141 -5.89 -20.59 1.59
C ARG A 141 -5.27 -19.70 2.70
N LEU A 142 -5.69 -18.43 2.87
CA LEU A 142 -6.66 -17.68 2.01
C LEU A 142 -8.05 -18.31 1.89
N GLY A 148 -14.56 -9.57 -0.36
CA GLY A 148 -15.17 -8.27 -0.76
C GLY A 148 -14.24 -7.10 -0.41
N THR A 149 -14.05 -6.93 0.87
CA THR A 149 -13.33 -5.82 1.44
C THR A 149 -12.03 -6.35 2.03
N ARG A 150 -11.90 -7.68 2.10
CA ARG A 150 -10.76 -8.28 2.77
C ARG A 150 -9.63 -8.67 1.84
N SER A 151 -10.00 -8.95 0.59
CA SER A 151 -9.09 -9.32 -0.44
C SER A 151 -9.36 -8.51 -1.71
N TYR A 152 -8.31 -8.03 -2.34
CA TYR A 152 -8.50 -7.13 -3.45
C TYR A 152 -7.22 -6.86 -4.26
N PHE A 153 -7.41 -6.26 -5.42
CA PHE A 153 -6.42 -6.16 -6.46
C PHE A 153 -6.85 -4.97 -7.30
N GLY A 154 -5.96 -4.01 -7.43
CA GLY A 154 -6.29 -2.79 -8.12
C GLY A 154 -5.09 -2.10 -8.71
N ALA A 155 -5.35 -0.99 -9.38
CA ALA A 155 -4.30 -0.23 -10.05
C ALA A 155 -4.83 1.10 -10.52
N PHE A 156 -3.92 2.04 -10.65
CA PHE A 156 -4.19 3.26 -11.38
C PHE A 156 -2.95 3.85 -12.00
N MET A 157 -3.17 4.48 -13.14
CA MET A 157 -2.11 5.14 -13.83
C MET A 157 -1.65 6.36 -13.03
N VAL A 158 -0.33 6.54 -12.99
CA VAL A 158 0.35 7.62 -12.33
C VAL A 158 1.21 8.35 -13.41
N ASN B 11 3.88 13.46 -13.74
CA ASN B 11 5.26 13.14 -14.14
C ASN B 11 5.93 12.42 -12.93
N PRO B 12 6.52 13.15 -11.95
CA PRO B 12 7.57 12.56 -11.12
C PRO B 12 7.24 11.22 -10.43
N ALA B 13 8.13 10.23 -10.58
CA ALA B 13 7.90 8.90 -10.00
C ALA B 13 9.17 8.10 -9.95
N ALA B 14 9.19 7.13 -9.04
CA ALA B 14 10.33 6.26 -8.91
C ALA B 14 9.92 5.01 -8.16
N HIS B 15 10.62 3.95 -8.53
CA HIS B 15 10.55 2.67 -7.80
C HIS B 15 11.97 2.13 -7.77
N LEU B 16 12.50 1.98 -6.58
CA LEU B 16 13.85 1.50 -6.36
C LEU B 16 13.77 0.14 -5.64
N THR B 17 14.65 -0.77 -6.01
CA THR B 17 14.64 -2.15 -5.52
C THR B 17 15.95 -2.43 -4.72
N GLY B 18 15.91 -3.38 -3.80
CA GLY B 18 17.00 -3.58 -2.83
C GLY B 18 18.33 -3.95 -3.49
N ALA B 19 19.39 -3.29 -3.05
CA ALA B 19 20.78 -3.56 -3.51
C ALA B 19 21.60 -3.94 -2.29
N ASN B 20 22.74 -4.59 -2.51
CA ASN B 20 23.57 -4.97 -1.38
C ASN B 20 24.37 -3.85 -0.65
N SER B 21 23.77 -3.36 0.43
CA SER B 21 24.44 -2.65 1.52
C SER B 21 25.44 -3.72 2.11
N SER B 22 26.43 -3.44 2.99
CA SER B 22 26.74 -2.25 3.85
C SER B 22 27.10 -2.77 5.25
N GLY B 25 24.90 -1.43 10.00
CA GLY B 25 24.95 -0.06 10.51
C GLY B 25 24.91 1.01 9.41
N SER B 26 24.56 2.26 9.74
CA SER B 26 24.54 2.79 11.12
C SER B 26 23.19 2.50 11.85
N GLY B 27 22.13 3.14 11.37
CA GLY B 27 20.74 2.69 11.58
C GLY B 27 20.35 1.46 10.75
N GLY B 28 20.64 1.42 9.43
CA GLY B 28 21.31 2.51 8.67
C GLY B 28 20.49 2.86 7.46
N PRO B 29 20.87 3.94 6.73
CA PRO B 29 20.06 4.34 5.55
C PRO B 29 20.24 3.37 4.38
N LEU B 30 19.24 2.51 4.11
CA LEU B 30 19.37 1.46 3.08
C LEU B 30 19.78 2.03 1.71
N LEU B 31 20.50 1.25 0.92
CA LEU B 31 20.95 1.68 -0.40
C LEU B 31 20.17 0.93 -1.49
N TRP B 32 20.02 1.55 -2.66
CA TRP B 32 19.05 1.06 -3.65
C TRP B 32 19.54 0.99 -5.09
N GLU B 33 19.01 0.04 -5.85
CA GLU B 33 19.20 0.03 -7.29
C GLU B 33 18.28 1.05 -7.95
N THR B 34 18.80 1.84 -8.89
CA THR B 34 18.02 2.84 -9.62
C THR B 34 17.78 2.55 -11.13
N GLN B 35 18.40 1.52 -11.69
CA GLN B 35 18.32 1.32 -13.17
C GLN B 35 18.04 -0.08 -13.69
N LEU B 36 18.53 -1.10 -13.00
CA LEU B 36 18.35 -2.48 -13.48
C LEU B 36 16.95 -3.01 -13.11
N GLY B 37 16.50 -3.95 -13.94
CA GLY B 37 15.24 -4.66 -13.76
C GLY B 37 14.04 -3.76 -13.70
N LEU B 38 13.36 -3.79 -12.54
CA LEU B 38 12.16 -2.98 -12.28
C LEU B 38 12.43 -1.58 -11.77
N ALA B 39 13.68 -1.27 -11.45
CA ALA B 39 14.00 0.04 -10.89
C ALA B 39 13.98 1.14 -11.92
N PHE B 40 13.54 2.34 -11.52
CA PHE B 40 13.58 3.51 -12.40
C PHE B 40 13.39 4.76 -11.56
N LEU B 41 13.77 5.84 -12.22
CA LEU B 41 13.76 7.18 -11.68
C LEU B 41 13.21 8.01 -12.78
N ARG B 42 12.15 8.78 -12.53
CA ARG B 42 11.57 9.61 -13.54
C ARG B 42 11.14 10.94 -12.89
N GLY B 43 12.01 11.94 -13.01
CA GLY B 43 11.80 13.26 -12.45
C GLY B 43 12.16 13.30 -10.99
N LEU B 44 12.90 12.34 -10.50
CA LEU B 44 13.38 12.42 -9.15
C LEU B 44 14.82 12.03 -9.21
N SER B 45 15.64 12.45 -8.25
CA SER B 45 17.00 11.91 -8.20
C SER B 45 17.27 10.98 -7.06
N TYR B 46 18.47 10.40 -7.12
CA TYR B 46 18.96 9.49 -6.09
C TYR B 46 20.41 9.79 -5.75
N HIS B 47 20.66 9.78 -4.43
CA HIS B 47 21.98 10.06 -3.87
C HIS B 47 22.14 9.32 -2.56
N ASP B 48 23.05 8.36 -2.53
CA ASP B 48 23.40 7.64 -1.30
C ASP B 48 22.20 7.24 -0.49
N GLY B 49 21.32 6.42 -1.08
CA GLY B 49 20.17 5.89 -0.34
C GLY B 49 18.94 6.78 -0.41
N ALA B 50 19.11 8.01 -0.88
CA ALA B 50 18.06 9.02 -0.73
C ALA B 50 17.40 9.26 -2.03
N LEU B 51 16.07 9.28 -2.03
CA LEU B 51 15.36 9.88 -3.13
C LEU B 51 15.42 11.37 -2.89
N VAL B 52 15.71 12.15 -3.94
CA VAL B 52 15.89 13.60 -3.83
C VAL B 52 14.83 14.32 -4.65
N VAL B 53 14.08 15.25 -4.05
CA VAL B 53 13.01 15.92 -4.77
C VAL B 53 13.54 17.09 -5.62
N THR B 54 12.84 17.38 -6.69
CA THR B 54 13.27 18.35 -7.69
C THR B 54 12.12 19.27 -8.02
N LYS B 55 10.93 18.71 -8.11
CA LYS B 55 9.72 19.48 -8.25
C LYS B 55 8.98 19.40 -6.91
N ALA B 56 8.83 20.55 -6.26
CA ALA B 56 8.16 20.65 -4.97
C ALA B 56 6.74 20.15 -5.09
N GLY B 57 6.23 19.53 -4.03
CA GLY B 57 4.80 19.21 -3.99
C GLY B 57 4.51 18.01 -3.12
N TYR B 58 3.29 17.52 -3.26
CA TYR B 58 2.82 16.36 -2.48
C TYR B 58 3.14 15.05 -3.20
N TYR B 59 3.90 14.21 -2.52
CA TYR B 59 4.31 12.92 -3.00
C TYR B 59 3.76 11.81 -2.10
N TYR B 60 3.13 10.80 -2.71
CA TYR B 60 2.90 9.49 -2.03
C TYR B 60 4.20 8.72 -2.07
N ILE B 61 4.70 8.36 -0.90
CA ILE B 61 5.94 7.64 -0.78
C ILE B 61 5.65 6.27 -0.20
N TYR B 62 6.47 5.29 -0.54
CA TYR B 62 6.22 3.95 -0.01
C TYR B 62 7.48 3.17 0.09
N SER B 63 7.48 2.17 0.98
CA SER B 63 8.57 1.21 1.04
C SER B 63 8.08 -0.10 1.52
N LYS B 64 8.62 -1.17 0.96
CA LYS B 64 8.32 -2.50 1.45
C LYS B 64 9.63 -3.20 1.75
N VAL B 65 9.69 -3.76 2.92
CA VAL B 65 10.85 -4.42 3.40
C VAL B 65 10.49 -5.87 3.79
N GLN B 66 11.21 -6.78 3.19
CA GLN B 66 11.04 -8.22 3.47
C GLN B 66 12.01 -8.58 4.60
N LEU B 67 11.48 -8.91 5.76
CA LEU B 67 12.27 -9.32 6.94
C LEU B 67 12.35 -10.83 6.88
N GLY B 68 13.44 -11.41 7.42
CA GLY B 68 13.69 -12.85 7.26
C GLY B 68 14.39 -13.52 8.43
N ALA B 77 14.39 -5.94 23.39
CA ALA B 77 13.57 -6.97 22.79
C ALA B 77 14.05 -7.34 21.37
N SER B 78 13.52 -8.44 20.84
CA SER B 78 13.68 -8.75 19.43
C SER B 78 12.54 -8.00 18.72
N THR B 79 12.86 -6.85 18.15
CA THR B 79 11.86 -5.89 17.65
C THR B 79 12.45 -5.02 16.51
N ILE B 80 11.91 -5.19 15.32
CA ILE B 80 12.38 -4.51 14.13
C ILE B 80 11.58 -3.24 13.88
N THR B 81 12.28 -2.16 13.53
CA THR B 81 11.63 -0.89 13.18
C THR B 81 11.90 -0.61 11.72
N HIS B 82 10.85 -0.17 11.00
CA HIS B 82 10.95 0.19 9.59
C HIS B 82 10.41 1.61 9.41
N GLY B 83 11.19 2.50 8.82
CA GLY B 83 10.70 3.87 8.66
C GLY B 83 11.19 4.60 7.43
N LEU B 84 10.42 5.63 7.10
CA LEU B 84 10.74 6.54 6.05
C LEU B 84 11.04 7.86 6.75
N TYR B 85 12.20 8.45 6.42
CA TYR B 85 12.73 9.64 7.11
C TYR B 85 13.03 10.77 6.14
N LYS B 86 12.55 11.98 6.44
CA LYS B 86 12.92 13.19 5.67
C LYS B 86 14.20 13.90 6.18
N ARG B 87 15.02 14.40 5.23
CA ARG B 87 16.07 15.41 5.49
C ARG B 87 15.74 16.64 4.67
N THR B 88 16.07 17.83 5.21
CA THR B 88 15.89 19.11 4.52
C THR B 88 17.20 19.90 4.39
N TYR B 91 17.26 19.30 8.76
CA TYR B 91 16.99 20.72 8.66
C TYR B 91 18.19 21.53 9.05
N PRO B 92 19.06 21.00 9.94
CA PRO B 92 19.57 19.66 10.31
C PRO B 92 18.69 18.53 10.87
N GLU B 93 19.31 17.34 10.90
CA GLU B 93 18.74 16.08 11.40
C GLU B 93 17.65 15.44 10.52
N GLU B 94 17.09 14.33 11.00
CA GLU B 94 16.14 13.47 10.28
C GLU B 94 14.75 13.49 10.96
N LEU B 95 13.76 13.95 10.24
CA LEU B 95 12.37 13.98 10.66
C LEU B 95 11.70 12.65 10.30
N GLU B 96 11.17 11.93 11.29
CA GLU B 96 10.44 10.68 11.05
C GLU B 96 9.24 11.02 10.17
N LEU B 97 9.07 10.33 9.04
CA LEU B 97 7.82 10.53 8.29
C LEU B 97 6.81 9.43 8.56
N LEU B 98 7.23 8.18 8.36
CA LEU B 98 6.29 7.06 8.52
C LEU B 98 7.10 5.92 9.03
N VAL B 99 6.59 5.25 10.04
CA VAL B 99 7.30 4.21 10.77
C VAL B 99 6.39 3.09 11.29
N SER B 100 6.90 1.87 11.32
CA SER B 100 6.21 0.75 11.94
C SER B 100 7.17 -0.01 12.86
N GLN B 101 6.62 -0.64 13.90
CA GLN B 101 7.37 -1.63 14.66
C GLN B 101 6.68 -2.97 14.56
N GLN B 102 7.48 -4.01 14.41
CA GLN B 102 6.99 -5.37 14.42
C GLN B 102 7.92 -6.21 15.27
N SER B 103 7.42 -7.31 15.84
CA SER B 103 8.28 -8.33 16.44
C SER B 103 7.95 -9.74 15.95
N PRO B 104 8.53 -10.13 14.80
CA PRO B 104 8.54 -11.53 14.36
C PRO B 104 9.42 -12.45 15.23
N ASN B 114 13.49 -20.04 10.95
CA ASN B 114 13.03 -20.16 9.57
C ASN B 114 11.99 -19.09 9.19
N TRP B 115 11.93 -17.95 9.89
CA TRP B 115 10.79 -17.02 9.76
C TRP B 115 10.93 -15.96 8.65
N PHE B 116 9.75 -15.43 8.27
CA PHE B 116 9.58 -14.33 7.31
C PHE B 116 8.44 -13.42 7.73
N ASP B 117 8.60 -12.13 7.50
CA ASP B 117 7.51 -11.18 7.54
C ASP B 117 7.82 -10.03 6.60
N SER B 118 6.81 -9.20 6.37
CA SER B 118 6.94 -8.11 5.43
C SER B 118 6.32 -6.85 6.04
N SER B 119 6.97 -5.71 5.80
CA SER B 119 6.52 -4.45 6.36
C SER B 119 6.35 -3.46 5.21
N PHE B 120 5.16 -2.88 5.15
CA PHE B 120 4.82 -1.93 4.13
C PHE B 120 4.38 -0.61 4.77
N LEU B 121 4.90 0.50 4.25
CA LEU B 121 4.46 1.85 4.61
C LEU B 121 4.22 2.70 3.37
N GLY B 122 3.19 3.53 3.42
CA GLY B 122 2.92 4.49 2.35
C GLY B 122 2.18 5.67 2.97
N GLY B 123 2.25 6.85 2.35
CA GLY B 123 1.38 8.01 2.73
C GLY B 123 1.79 9.29 2.00
N VAL B 124 0.93 10.29 1.95
CA VAL B 124 1.22 11.53 1.20
C VAL B 124 1.93 12.52 2.14
N VAL B 125 3.08 13.02 1.68
CA VAL B 125 3.85 14.05 2.38
C VAL B 125 4.30 15.14 1.42
N HIS B 126 4.42 16.35 1.97
CA HIS B 126 4.88 17.52 1.22
C HIS B 126 6.37 17.56 1.17
N LEU B 127 6.91 17.78 -0.02
CA LEU B 127 8.35 17.84 -0.12
C LEU B 127 8.79 19.03 -0.97
N GLU B 128 9.85 19.69 -0.52
CA GLU B 128 10.44 20.85 -1.21
C GLU B 128 11.57 20.36 -2.10
N ALA B 129 11.78 21.06 -3.21
CA ALA B 129 12.98 20.82 -4.04
C ALA B 129 14.16 20.88 -3.13
N GLY B 130 14.96 19.83 -3.13
CA GLY B 130 16.09 19.75 -2.23
C GLY B 130 15.92 18.75 -1.09
N GLU B 131 14.70 18.45 -0.68
CA GLU B 131 14.49 17.51 0.41
C GLU B 131 14.79 16.10 -0.04
N GLU B 132 15.16 15.27 0.91
CA GLU B 132 15.53 13.90 0.67
C GLU B 132 14.69 12.96 1.53
N VAL B 133 14.46 11.74 1.04
CA VAL B 133 13.78 10.73 1.79
C VAL B 133 14.61 9.49 1.81
N VAL B 134 14.78 8.91 3.00
CA VAL B 134 15.55 7.66 3.12
C VAL B 134 14.80 6.62 3.94
N VAL B 135 15.30 5.39 3.91
CA VAL B 135 14.66 4.25 4.57
C VAL B 135 15.64 3.64 5.55
N ARG B 136 15.21 3.28 6.75
CA ARG B 136 16.06 2.53 7.70
C ARG B 136 15.31 1.37 8.29
N VAL B 137 16.01 0.29 8.59
CA VAL B 137 15.47 -0.79 9.42
C VAL B 137 16.50 -1.21 10.52
N LEU B 138 15.99 -1.41 11.74
CA LEU B 138 16.82 -1.79 12.90
C LEU B 138 16.92 -3.28 13.05
N ASP B 139 18.10 -3.75 13.44
CA ASP B 139 18.57 -5.11 13.15
C ASP B 139 18.58 -5.19 11.61
N GLU B 140 19.53 -4.51 10.97
CA GLU B 140 19.62 -4.43 9.50
C GLU B 140 20.11 -5.75 8.87
N GLY B 148 17.87 -8.15 1.34
CA GLY B 148 16.59 -7.69 0.84
C GLY B 148 16.58 -7.44 -0.67
N THR B 149 15.82 -8.27 -1.39
CA THR B 149 15.73 -8.18 -2.86
C THR B 149 14.32 -7.90 -3.31
N ARG B 150 13.36 -8.50 -2.59
CA ARG B 150 11.93 -8.14 -2.60
C ARG B 150 11.67 -6.98 -1.62
N SER B 151 12.60 -6.02 -1.59
CA SER B 151 12.40 -4.84 -0.79
C SER B 151 12.52 -3.67 -1.76
N TYR B 152 11.75 -2.65 -1.53
CA TYR B 152 11.71 -1.59 -2.48
C TYR B 152 11.30 -0.32 -1.86
N PHE B 153 11.48 0.76 -2.63
CA PHE B 153 11.25 2.09 -2.15
C PHE B 153 10.92 3.00 -3.30
N GLY B 154 9.84 3.76 -3.17
CA GLY B 154 9.37 4.54 -4.29
C GLY B 154 8.46 5.69 -3.95
N ALA B 155 8.05 6.43 -4.98
CA ALA B 155 7.33 7.63 -4.77
C ALA B 155 6.71 8.06 -6.05
N PHE B 156 5.60 8.75 -5.95
CA PHE B 156 5.11 9.51 -7.05
C PHE B 156 4.32 10.69 -6.58
N MET B 157 4.22 11.67 -7.48
CA MET B 157 3.65 12.92 -7.16
C MET B 157 2.17 12.80 -7.40
N VAL B 158 1.47 13.42 -6.50
CA VAL B 158 0.08 13.21 -6.30
C VAL B 158 -0.53 14.58 -6.56
N ASN C 11 -5.55 15.49 -7.20
CA ASN C 11 -5.24 16.90 -6.67
C ASN C 11 -5.78 17.18 -5.22
N PRO C 12 -7.10 17.08 -4.99
CA PRO C 12 -7.55 16.93 -3.59
C PRO C 12 -6.81 15.82 -2.83
N ALA C 13 -6.42 16.10 -1.60
CA ALA C 13 -5.61 15.17 -0.82
C ALA C 13 -5.60 15.51 0.66
N ALA C 14 -5.14 14.54 1.46
CA ALA C 14 -5.17 14.67 2.91
C ALA C 14 -4.28 13.58 3.47
N HIS C 15 -3.42 13.93 4.43
CA HIS C 15 -2.76 13.00 5.33
C HIS C 15 -3.17 13.45 6.75
N LEU C 16 -3.36 12.50 7.66
CA LEU C 16 -3.86 12.79 9.01
C LEU C 16 -3.27 11.85 9.99
N THR C 17 -2.90 12.37 11.16
CA THR C 17 -2.02 11.61 12.03
C THR C 17 -2.62 11.36 13.43
N GLY C 18 -1.97 10.47 14.17
CA GLY C 18 -2.47 9.90 15.44
C GLY C 18 -2.55 10.92 16.55
N GLY C 28 -17.37 4.38 18.61
CA GLY C 28 -17.08 5.55 17.78
C GLY C 28 -15.82 5.37 16.95
N PRO C 29 -15.66 6.16 15.88
CA PRO C 29 -14.45 6.04 15.06
C PRO C 29 -13.24 6.69 15.68
N LEU C 30 -12.08 6.35 15.13
CA LEU C 30 -10.83 7.01 15.52
C LEU C 30 -10.80 8.50 15.13
N LEU C 31 -9.88 9.21 15.78
CA LEU C 31 -9.80 10.64 15.65
C LEU C 31 -8.37 10.96 15.37
N TRP C 32 -8.18 12.08 14.67
CA TRP C 32 -6.87 12.44 14.10
C TRP C 32 -6.59 13.93 14.09
N GLU C 33 -5.31 14.27 14.17
CA GLU C 33 -4.85 15.61 13.89
C GLU C 33 -4.93 16.02 12.42
N THR C 34 -5.64 17.10 12.11
CA THR C 34 -5.74 17.56 10.74
C THR C 34 -4.78 18.74 10.36
N GLN C 35 -3.94 19.14 11.31
CA GLN C 35 -2.84 20.16 11.14
C GLN C 35 -2.17 20.13 12.51
N LEU C 36 -0.85 20.21 12.67
CA LEU C 36 0.21 20.27 11.68
C LEU C 36 1.20 19.38 12.48
N GLY C 37 2.40 19.04 12.02
CA GLY C 37 2.99 19.47 10.75
C GLY C 37 2.61 18.64 9.56
N LEU C 38 2.87 17.34 9.66
CA LEU C 38 2.65 16.41 8.55
C LEU C 38 1.17 16.31 8.17
N ALA C 39 0.26 16.62 9.11
CA ALA C 39 -1.17 16.59 8.79
C ALA C 39 -1.63 17.76 7.92
N PHE C 40 -2.44 17.49 6.90
CA PHE C 40 -2.98 18.53 6.07
C PHE C 40 -4.28 18.10 5.47
N LEU C 41 -5.09 19.09 5.14
CA LEU C 41 -6.27 18.88 4.36
C LEU C 41 -6.11 19.77 3.15
N ARG C 42 -6.63 19.32 2.00
CA ARG C 42 -6.43 20.03 0.74
C ARG C 42 -7.47 19.55 -0.24
N GLY C 43 -8.62 20.22 -0.26
CA GLY C 43 -9.76 19.83 -1.07
C GLY C 43 -10.67 18.79 -0.43
N LEU C 44 -10.46 18.51 0.84
CA LEU C 44 -11.33 17.60 1.61
C LEU C 44 -11.60 18.20 2.99
N SER C 45 -12.85 18.15 3.47
CA SER C 45 -13.17 18.58 4.84
C SER C 45 -12.94 17.45 5.82
N TYR C 46 -13.37 17.70 7.06
CA TYR C 46 -13.28 16.75 8.15
C TYR C 46 -14.36 17.04 9.20
N HIS C 47 -15.00 16.00 9.73
CA HIS C 47 -15.74 16.12 10.98
C HIS C 47 -15.93 14.78 11.68
N ASP C 48 -15.39 14.69 12.89
CA ASP C 48 -15.57 13.55 13.79
C ASP C 48 -14.87 12.29 13.27
N GLY C 49 -13.54 12.33 13.15
CA GLY C 49 -12.77 11.18 12.66
C GLY C 49 -12.79 10.94 11.14
N ALA C 50 -13.76 11.55 10.43
CA ALA C 50 -14.02 11.26 9.04
C ALA C 50 -13.50 12.31 8.05
N LEU C 51 -12.99 11.79 6.92
CA LEU C 51 -12.71 12.60 5.74
C LEU C 51 -13.99 12.84 4.94
N VAL C 52 -14.30 14.09 4.66
CA VAL C 52 -15.50 14.37 3.95
C VAL C 52 -15.10 14.84 2.57
N VAL C 53 -15.82 14.34 1.55
CA VAL C 53 -15.51 14.55 0.16
C VAL C 53 -16.32 15.65 -0.45
N THR C 54 -15.62 16.55 -1.17
CA THR C 54 -16.22 17.75 -1.78
C THR C 54 -16.27 17.62 -3.27
N LYS C 55 -15.21 17.07 -3.85
CA LYS C 55 -15.21 16.73 -5.27
C LYS C 55 -15.33 15.21 -5.46
N ALA C 56 -16.36 14.79 -6.20
CA ALA C 56 -16.59 13.37 -6.39
C ALA C 56 -15.55 12.77 -7.32
N GLY C 57 -15.12 11.57 -6.99
CA GLY C 57 -14.27 10.79 -7.90
C GLY C 57 -13.69 9.58 -7.23
N TYR C 58 -12.66 9.05 -7.84
CA TYR C 58 -11.92 7.91 -7.30
C TYR C 58 -10.85 8.40 -6.43
N TYR C 59 -10.77 7.85 -5.22
CA TYR C 59 -9.73 8.21 -4.35
C TYR C 59 -9.00 6.99 -3.90
N TYR C 60 -7.68 7.12 -3.77
CA TYR C 60 -6.92 6.14 -3.12
C TYR C 60 -6.88 6.54 -1.68
N ILE C 61 -7.38 5.65 -0.84
CA ILE C 61 -7.49 5.90 0.58
C ILE C 61 -6.63 4.89 1.28
N TYR C 62 -6.03 5.28 2.39
CA TYR C 62 -5.09 4.44 3.10
C TYR C 62 -5.06 4.70 4.59
N SER C 63 -4.66 3.70 5.35
CA SER C 63 -4.52 3.88 6.79
C SER C 63 -3.61 2.82 7.33
N LYS C 64 -2.75 3.26 8.25
CA LYS C 64 -1.77 2.47 8.91
C LYS C 64 -2.01 2.66 10.41
N VAL C 65 -1.92 1.58 11.18
CA VAL C 65 -2.29 1.59 12.57
C VAL C 65 -1.25 0.73 13.27
N GLN C 66 -0.61 1.32 14.27
CA GLN C 66 0.45 0.66 15.02
C GLN C 66 -0.24 -0.10 16.15
N LEU C 67 0.19 -1.31 16.42
CA LEU C 67 -0.39 -2.10 17.51
C LEU C 67 0.68 -2.66 18.40
N GLY C 68 0.33 -2.84 19.66
CA GLY C 68 1.24 -3.39 20.66
C GLY C 68 0.51 -3.80 21.91
N GLY C 69 0.98 -4.87 22.54
CA GLY C 69 0.26 -5.42 23.68
C GLY C 69 1.19 -6.10 24.65
N VAL C 70 0.64 -7.12 25.34
CA VAL C 70 1.28 -7.78 26.48
C VAL C 70 1.03 -9.29 26.46
N ALA C 77 -11.14 -14.03 21.35
CA ALA C 77 -10.51 -13.55 20.13
C ALA C 77 -9.29 -12.63 20.40
N SER C 78 -8.11 -13.14 20.07
CA SER C 78 -6.87 -12.35 20.08
C SER C 78 -6.76 -11.55 18.78
N THR C 79 -7.92 -11.16 18.25
CA THR C 79 -8.07 -10.83 16.84
C THR C 79 -8.50 -9.38 16.64
N ILE C 80 -7.62 -8.62 16.01
CA ILE C 80 -7.85 -7.20 15.79
C ILE C 80 -8.30 -6.99 14.34
N THR C 81 -9.32 -6.16 14.17
CA THR C 81 -9.82 -5.79 12.88
C THR C 81 -9.53 -4.31 12.63
N HIS C 82 -9.01 -3.99 11.46
CA HIS C 82 -8.66 -2.62 11.13
C HIS C 82 -9.34 -2.35 9.84
N GLY C 83 -10.18 -1.34 9.83
CA GLY C 83 -10.98 -1.09 8.64
C GLY C 83 -11.10 0.38 8.27
N LEU C 84 -11.39 0.60 6.97
CA LEU C 84 -11.85 1.89 6.45
C LEU C 84 -13.31 1.76 6.08
N TYR C 85 -14.14 2.70 6.48
CA TYR C 85 -15.57 2.60 6.28
C TYR C 85 -16.14 3.83 5.65
N LYS C 86 -17.09 3.66 4.76
CA LYS C 86 -17.81 4.79 4.21
C LYS C 86 -19.05 5.05 5.04
N ARG C 87 -19.18 6.27 5.55
CA ARG C 87 -20.38 6.72 6.29
C ARG C 87 -21.17 7.69 5.39
N THR C 88 -22.48 7.54 5.33
CA THR C 88 -23.34 8.55 4.72
C THR C 88 -24.37 9.10 5.74
N PRO C 89 -24.41 10.44 5.89
CA PRO C 89 -25.23 11.05 6.94
C PRO C 89 -26.71 10.67 6.92
N ARG C 90 -27.27 10.47 5.72
CA ARG C 90 -28.64 10.00 5.58
C ARG C 90 -28.87 8.64 6.24
N TYR C 91 -27.81 7.84 6.42
CA TYR C 91 -27.94 6.47 6.93
C TYR C 91 -27.00 6.29 8.14
N PRO C 92 -27.48 5.58 9.17
CA PRO C 92 -26.54 5.31 10.27
C PRO C 92 -25.45 4.33 9.84
N GLU C 93 -25.87 3.19 9.29
CA GLU C 93 -24.96 2.07 9.06
C GLU C 93 -23.75 2.43 8.15
N GLU C 94 -22.57 2.09 8.64
CA GLU C 94 -21.32 2.22 7.94
C GLU C 94 -21.10 1.04 7.00
N LEU C 95 -20.58 1.35 5.81
CA LEU C 95 -20.30 0.34 4.77
C LEU C 95 -18.81 0.05 4.85
N GLU C 96 -18.40 -1.21 4.99
CA GLU C 96 -16.97 -1.61 4.92
C GLU C 96 -16.33 -1.30 3.56
N LEU C 97 -15.12 -0.77 3.54
CA LEU C 97 -14.38 -0.54 2.28
C LEU C 97 -13.12 -1.45 2.16
N LEU C 98 -12.17 -1.29 3.05
CA LEU C 98 -10.96 -2.10 3.06
C LEU C 98 -10.87 -2.52 4.50
N VAL C 99 -10.67 -3.81 4.74
CA VAL C 99 -10.67 -4.37 6.10
C VAL C 99 -9.67 -5.47 6.29
N SER C 100 -8.97 -5.44 7.40
CA SER C 100 -7.90 -6.38 7.69
C SER C 100 -8.17 -7.06 9.06
N GLN C 101 -7.93 -8.35 9.17
CA GLN C 101 -7.97 -9.03 10.46
C GLN C 101 -6.62 -9.63 10.76
N GLN C 102 -6.23 -9.58 12.02
CA GLN C 102 -4.87 -9.93 12.41
C GLN C 102 -4.87 -10.43 13.83
N SER C 103 -4.15 -11.50 14.08
CA SER C 103 -4.03 -12.03 15.44
C SER C 103 -2.59 -11.95 15.88
N PRO C 104 -2.34 -11.56 17.14
CA PRO C 104 -1.11 -11.95 17.84
C PRO C 104 -1.37 -12.35 19.30
N ASN C 114 7.93 -7.21 22.93
CA ASN C 114 6.71 -7.77 23.49
C ASN C 114 5.61 -6.71 23.69
N TRP C 115 4.74 -6.50 22.70
CA TRP C 115 4.93 -6.96 21.31
C TRP C 115 4.42 -5.86 20.38
N PHE C 116 4.81 -5.88 19.11
CA PHE C 116 4.35 -4.88 18.17
C PHE C 116 3.88 -5.48 16.85
N ASP C 117 2.76 -4.96 16.34
CA ASP C 117 2.32 -5.25 14.96
C ASP C 117 1.83 -3.95 14.30
N SER C 118 2.06 -3.82 13.01
CA SER C 118 1.60 -2.65 12.27
C SER C 118 0.61 -3.12 11.21
N SER C 119 -0.54 -2.45 11.09
CA SER C 119 -1.50 -2.77 10.00
C SER C 119 -1.67 -1.66 8.97
N PHE C 120 -1.48 -2.01 7.68
CA PHE C 120 -1.70 -1.09 6.56
C PHE C 120 -2.80 -1.54 5.59
N LEU C 121 -3.63 -0.59 5.19
CA LEU C 121 -4.70 -0.78 4.21
C LEU C 121 -4.58 0.33 3.16
N GLY C 122 -4.72 0.00 1.90
CA GLY C 122 -4.78 1.02 0.87
C GLY C 122 -5.72 0.58 -0.22
N GLY C 123 -6.36 1.50 -0.91
CA GLY C 123 -7.17 1.11 -2.01
C GLY C 123 -7.92 2.23 -2.63
N VAL C 124 -8.42 1.97 -3.82
CA VAL C 124 -9.13 2.99 -4.54
C VAL C 124 -10.65 2.80 -4.47
N VAL C 125 -11.35 3.86 -4.06
CA VAL C 125 -12.81 3.85 -3.97
C VAL C 125 -13.50 5.03 -4.64
N HIS C 126 -14.66 4.79 -5.20
CA HIS C 126 -15.43 5.89 -5.79
C HIS C 126 -16.23 6.50 -4.68
N LEU C 127 -15.98 7.79 -4.44
CA LEU C 127 -16.68 8.59 -3.43
C LEU C 127 -17.49 9.75 -4.10
N GLU C 128 -18.77 9.90 -3.74
CA GLU C 128 -19.61 11.02 -4.25
C GLU C 128 -19.43 12.16 -3.28
N ALA C 129 -19.73 13.39 -3.70
CA ALA C 129 -19.65 14.55 -2.76
C ALA C 129 -20.68 14.36 -1.64
N GLY C 130 -20.29 14.67 -0.42
CA GLY C 130 -21.09 14.34 0.75
C GLY C 130 -20.40 13.24 1.57
N GLU C 131 -20.08 12.14 0.88
CA GLU C 131 -19.56 10.90 1.53
C GLU C 131 -18.36 11.15 2.45
N GLU C 132 -18.29 10.34 3.49
CA GLU C 132 -17.30 10.46 4.54
C GLU C 132 -16.64 9.09 4.72
N VAL C 133 -15.42 9.08 5.22
CA VAL C 133 -14.69 7.83 5.39
C VAL C 133 -14.12 7.83 6.78
N VAL C 134 -14.24 6.73 7.52
CA VAL C 134 -13.58 6.66 8.82
C VAL C 134 -12.74 5.43 8.97
N VAL C 135 -11.82 5.52 9.91
CA VAL C 135 -11.04 4.41 10.35
C VAL C 135 -11.62 3.85 11.68
N ARG C 136 -11.88 2.56 11.73
CA ARG C 136 -12.11 1.88 12.99
C ARG C 136 -11.09 0.74 13.18
N VAL C 137 -10.70 0.55 14.45
CA VAL C 137 -9.95 -0.63 14.90
C VAL C 137 -10.65 -1.34 16.09
N LEU C 138 -11.25 -2.51 15.83
CA LEU C 138 -12.04 -3.22 16.84
C LEU C 138 -11.17 -4.03 17.83
N ASP C 139 -11.31 -3.69 19.12
CA ASP C 139 -10.54 -4.24 20.24
C ASP C 139 -9.02 -4.16 20.03
N THR C 149 0.74 9.33 16.73
CA THR C 149 2.13 9.55 16.31
C THR C 149 2.44 8.72 15.07
N ARG C 150 2.37 7.40 15.27
CA ARG C 150 2.82 6.39 14.31
C ARG C 150 1.74 6.02 13.29
N SER C 151 0.50 5.99 13.75
CA SER C 151 -0.65 5.67 12.93
C SER C 151 -1.08 6.88 12.10
N TYR C 152 -1.75 6.60 10.98
CA TYR C 152 -2.31 7.67 10.15
C TYR C 152 -3.43 7.23 9.24
N PHE C 153 -3.99 8.20 8.54
CA PHE C 153 -5.17 8.05 7.75
C PHE C 153 -5.10 9.09 6.65
N GLY C 154 -5.40 8.71 5.41
CA GLY C 154 -5.16 9.61 4.28
C GLY C 154 -5.82 9.14 3.03
N ALA C 155 -5.82 10.02 2.04
CA ALA C 155 -6.50 9.81 0.77
C ALA C 155 -5.84 10.71 -0.29
N PHE C 156 -6.11 10.47 -1.57
CA PHE C 156 -5.80 11.44 -2.64
C PHE C 156 -6.55 11.01 -3.87
N MET C 157 -6.94 11.94 -4.69
CA MET C 157 -7.77 11.63 -5.82
C MET C 157 -6.89 11.17 -6.99
N VAL C 158 -7.43 10.26 -7.75
CA VAL C 158 -6.68 9.47 -8.70
C VAL C 158 -7.39 9.59 -10.06
#